data_7AMG
#
_entry.id   7AMG
#
_cell.length_a   165.006
_cell.length_b   119.043
_cell.length_c   54.290
_cell.angle_alpha   90.00
_cell.angle_beta   90.54
_cell.angle_gamma   90.00
#
_symmetry.space_group_name_H-M   'C 1 2 1'
#
loop_
_entity.id
_entity.type
_entity.pdbx_description
1 polymer Interleukin-17A
2 non-polymer '(3~{R})-4-[4-[[(2~{S})-2-[[2,2-bis(fluoranyl)-2-phenyl-ethanoyl]amino]-3-(2-chlorophenyl)propanoyl]amino]phenyl]-3-[[(2~{S})-3-methyl-2-[2-[2-[(2-methylpropan-2-yl)oxycarbonylamino]ethoxy]ethanoylamino]butanoyl]amino]butanoic acid'
3 water water
#
_entity_poly.entity_id   1
_entity_poly.type   'polypeptide(L)'
_entity_poly.pdbx_seq_one_letter_code
;PRTVMVNLNIHNRNTNTNPKRSSDYYNRSTSPWNLHRNEDPERYPSVIWEAKCRHLGCINADGNVDYHMNSVPIQQEILV
LRREPPHCPNSFRLEKILVSVGCTCVTPI
;
_entity_poly.pdbx_strand_id   A,B,C,D
#
# COMPACT_ATOMS: atom_id res chain seq x y z
N PRO A 1 18.90 29.21 -0.47
CA PRO A 1 19.81 28.07 -0.21
C PRO A 1 20.48 28.13 1.19
N ARG A 2 19.68 27.93 2.25
CA ARG A 2 20.11 28.08 3.65
C ARG A 2 20.91 26.88 4.14
N THR A 3 22.08 27.13 4.68
CA THR A 3 23.11 26.11 4.76
C THR A 3 23.75 26.11 6.11
N VAL A 4 24.08 24.95 6.64
CA VAL A 4 24.56 24.92 7.99
C VAL A 4 25.59 23.86 8.19
N MET A 5 26.23 23.89 9.37
CA MET A 5 27.35 23.00 9.64
C MET A 5 26.99 22.03 10.71
N VAL A 6 27.47 20.80 10.60
CA VAL A 6 27.07 19.76 11.54
C VAL A 6 28.20 18.86 12.01
N ASN A 7 28.34 18.72 13.32
CA ASN A 7 29.37 17.86 13.87
C ASN A 7 28.70 16.51 14.07
N LEU A 8 29.19 15.49 13.37
CA LEU A 8 28.59 14.15 13.45
C LEU A 8 28.97 13.34 14.69
N ASN A 9 29.79 13.88 15.59
CA ASN A 9 30.02 13.22 16.88
C ASN A 9 28.75 13.38 17.69
N ILE A 10 28.06 12.28 17.99
CA ILE A 10 26.68 12.35 18.39
C ILE A 10 26.62 11.94 19.82
N HIS A 11 26.65 12.89 20.73
CA HIS A 11 26.35 12.62 22.13
C HIS A 11 25.33 13.69 22.48
N ASN A 12 24.16 13.35 23.02
CA ASN A 12 23.89 12.07 23.63
C ASN A 12 22.60 11.45 23.09
N ARG A 13 21.93 10.66 23.93
CA ARG A 13 20.63 10.05 23.64
C ARG A 13 19.53 10.95 24.22
N ASN A 14 18.34 10.44 24.57
CA ASN A 14 18.11 9.02 24.80
C ASN A 14 16.76 8.48 24.38
N SER A 22 14.65 -3.53 23.46
CA SER A 22 14.14 -4.80 22.95
C SER A 22 12.65 -4.74 22.58
N SER A 23 11.88 -3.87 23.27
CA SER A 23 10.47 -4.11 23.57
C SER A 23 9.82 -4.61 22.35
N ASP A 24 9.16 -5.76 22.44
CA ASP A 24 8.78 -6.54 21.27
C ASP A 24 7.31 -6.30 20.96
N TYR A 25 6.97 -5.05 20.74
CA TYR A 25 5.62 -4.70 20.52
C TYR A 25 5.20 -5.23 19.19
N TYR A 26 6.15 -5.40 18.30
CA TYR A 26 5.88 -5.95 16.97
C TYR A 26 5.26 -7.33 17.00
N ASN A 27 5.34 -8.04 18.12
CA ASN A 27 4.86 -9.41 18.14
C ASN A 27 3.62 -9.55 18.95
N ARG A 28 3.39 -8.61 19.86
CA ARG A 28 2.24 -8.70 20.73
C ARG A 28 1.15 -7.77 20.30
N SER A 29 1.39 -6.98 19.25
CA SER A 29 0.32 -6.10 18.79
C SER A 29 -0.81 -6.91 18.21
N THR A 30 -2.02 -6.42 18.45
CA THR A 30 -3.20 -6.84 17.73
C THR A 30 -2.98 -6.70 16.26
N SER A 31 -2.03 -5.83 15.87
CA SER A 31 -1.77 -5.49 14.45
C SER A 31 -0.31 -5.58 14.28
N PRO A 32 0.22 -6.77 14.39
CA PRO A 32 1.66 -6.98 14.35
C PRO A 32 2.18 -6.86 12.98
N TRP A 33 3.50 -6.78 12.91
CA TRP A 33 4.21 -6.50 11.66
C TRP A 33 5.63 -7.04 11.59
N ASN A 34 6.21 -7.02 10.38
CA ASN A 34 7.59 -7.41 10.21
C ASN A 34 8.35 -6.25 9.61
N LEU A 35 9.67 -6.39 9.52
CA LEU A 35 10.48 -5.32 9.02
C LEU A 35 11.15 -5.72 7.75
N HIS A 36 11.09 -4.87 6.74
CA HIS A 36 11.65 -5.14 5.44
C HIS A 36 12.83 -4.19 5.22
N ARG A 37 13.90 -4.67 4.64
CA ARG A 37 15.08 -3.86 4.48
C ARG A 37 14.97 -3.05 3.22
N ASN A 38 15.20 -1.76 3.32
CA ASN A 38 15.40 -0.93 2.14
C ASN A 38 16.84 -0.45 2.18
N GLU A 39 17.62 -0.80 1.15
CA GLU A 39 19.00 -0.35 1.07
C GLU A 39 19.15 0.53 -0.13
N ASP A 40 19.74 1.70 0.07
CA ASP A 40 20.17 2.57 -1.02
C ASP A 40 21.59 3.06 -0.66
N PRO A 41 22.57 2.81 -1.55
CA PRO A 41 23.95 3.24 -1.32
C PRO A 41 24.21 4.70 -1.64
N GLU A 42 23.31 5.35 -2.36
CA GLU A 42 23.42 6.78 -2.64
C GLU A 42 22.65 7.56 -1.56
N ARG A 43 22.67 7.08 -0.33
CA ARG A 43 21.79 7.63 0.69
C ARG A 43 22.32 7.41 2.08
N TYR A 44 22.06 8.38 2.96
CA TYR A 44 22.61 8.36 4.29
C TYR A 44 21.52 8.73 5.27
N PRO A 45 21.09 7.78 6.09
CA PRO A 45 21.55 6.41 6.13
C PRO A 45 21.15 5.60 4.91
N SER A 46 21.88 4.54 4.63
CA SER A 46 21.68 3.72 3.45
C SER A 46 20.74 2.58 3.74
N VAL A 47 20.88 1.97 4.90
CA VAL A 47 19.99 0.91 5.30
C VAL A 47 18.85 1.51 6.09
N ILE A 48 17.62 1.23 5.65
CA ILE A 48 16.44 1.65 6.38
C ILE A 48 15.41 0.55 6.53
N TRP A 49 14.89 0.39 7.74
CA TRP A 49 13.94 -0.67 8.00
C TRP A 49 12.52 -0.16 8.00
N GLU A 50 11.71 -0.77 7.14
CA GLU A 50 10.35 -0.34 6.95
C GLU A 50 9.41 -1.46 7.48
N ALA A 51 8.38 -1.08 8.19
CA ALA A 51 7.45 -1.99 8.81
C ALA A 51 6.40 -2.46 7.82
N LYS A 52 5.93 -3.70 7.96
CA LYS A 52 4.87 -4.20 7.07
C LYS A 52 3.87 -5.07 7.81
N CYS A 53 2.64 -4.63 7.82
CA CYS A 53 1.60 -5.31 8.55
C CYS A 53 1.48 -6.77 8.13
N ARG A 54 1.39 -7.67 9.09
CA ARG A 54 1.34 -9.08 8.75
C ARG A 54 0.01 -9.42 8.24
N HIS A 55 -1.05 -8.88 8.84
CA HIS A 55 -2.38 -9.25 8.35
C HIS A 55 -3.14 -8.05 7.85
N LEU A 56 -4.16 -8.30 7.06
CA LEU A 56 -5.06 -7.32 6.60
C LEU A 56 -5.98 -6.96 7.74
N GLY A 57 -6.45 -7.98 8.43
CA GLY A 57 -7.27 -7.78 9.60
C GLY A 57 -6.37 -7.67 10.81
N CYS A 58 -7.00 -7.71 11.98
CA CYS A 58 -6.31 -7.66 13.24
C CYS A 58 -6.58 -8.91 14.02
N ILE A 59 -5.75 -9.14 15.03
CA ILE A 59 -5.83 -10.33 15.89
C ILE A 59 -6.80 -10.23 17.07
N ASN A 60 -7.55 -11.31 17.21
CA ASN A 60 -8.48 -11.55 18.29
C ASN A 60 -7.83 -11.75 19.65
N ALA A 61 -8.67 -11.68 20.68
CA ALA A 61 -8.37 -12.30 21.96
C ALA A 61 -7.98 -13.76 21.75
N ASP A 62 -8.84 -14.50 21.05
CA ASP A 62 -8.56 -15.89 20.75
C ASP A 62 -7.29 -16.12 19.92
N GLY A 63 -6.66 -15.07 19.42
CA GLY A 63 -5.51 -15.24 18.53
C GLY A 63 -5.85 -15.62 17.09
N ASN A 64 -7.12 -15.46 16.67
CA ASN A 64 -7.47 -15.58 15.25
C ASN A 64 -7.66 -14.23 14.59
N VAL A 65 -7.42 -14.16 13.28
CA VAL A 65 -7.51 -12.89 12.55
C VAL A 65 -8.95 -12.48 12.41
N ASP A 66 -9.25 -11.21 12.66
CA ASP A 66 -10.61 -10.69 12.60
C ASP A 66 -10.70 -9.66 11.50
N TYR A 67 -11.19 -10.03 10.34
CA TYR A 67 -11.17 -9.12 9.22
C TYR A 67 -12.20 -7.98 9.27
N HIS A 68 -12.99 -7.86 10.34
CA HIS A 68 -13.86 -6.68 10.49
C HIS A 68 -13.10 -5.44 10.94
N MET A 69 -11.80 -5.62 11.17
CA MET A 69 -10.92 -4.54 11.55
C MET A 69 -9.74 -4.52 10.60
N ASN A 70 -8.76 -3.64 10.81
CA ASN A 70 -7.69 -3.43 9.81
C ASN A 70 -6.37 -3.06 10.38
N SER A 71 -5.37 -3.92 10.18
CA SER A 71 -4.00 -3.55 10.41
C SER A 71 -3.67 -2.50 9.36
N VAL A 72 -3.10 -1.38 9.76
CA VAL A 72 -2.67 -0.33 8.85
C VAL A 72 -1.40 0.26 9.46
N PRO A 73 -0.47 0.70 8.62
CA PRO A 73 0.82 1.16 9.09
C PRO A 73 0.79 2.61 9.59
N ILE A 74 1.57 2.88 10.61
CA ILE A 74 1.77 4.22 11.10
C ILE A 74 3.04 4.76 10.49
N GLN A 75 2.91 5.90 9.83
CA GLN A 75 4.03 6.45 9.12
C GLN A 75 4.54 7.77 9.65
N GLN A 76 5.74 8.14 9.21
CA GLN A 76 6.34 9.37 9.63
C GLN A 76 7.08 9.96 8.52
N GLU A 77 7.20 11.27 8.51
CA GLU A 77 8.05 11.90 7.54
C GLU A 77 9.46 11.94 8.12
N ILE A 78 10.44 11.64 7.29
CA ILE A 78 11.82 11.48 7.73
C ILE A 78 12.73 12.20 6.78
N LEU A 79 13.82 12.70 7.31
CA LEU A 79 14.81 13.36 6.47
C LEU A 79 15.98 12.48 6.29
N VAL A 80 16.47 12.46 5.07
CA VAL A 80 17.60 11.67 4.77
C VAL A 80 18.58 12.50 3.91
N LEU A 81 19.85 12.10 3.91
CA LEU A 81 20.89 12.88 3.26
C LEU A 81 21.29 12.26 1.94
N ARG A 82 21.58 13.16 1.03
CA ARG A 82 21.95 12.84 -0.31
C ARG A 82 23.13 13.80 -0.66
N ARG A 83 24.30 13.24 -0.95
CA ARG A 83 25.47 14.04 -1.41
C ARG A 83 25.07 15.11 -2.44
N GLU A 84 25.60 16.32 -2.29
CA GLU A 84 25.35 17.37 -3.25
C GLU A 84 26.47 18.39 -3.27
N PRO A 85 27.05 18.62 -4.45
CA PRO A 85 26.82 17.86 -5.65
C PRO A 85 27.34 16.44 -5.47
N PRO A 86 26.82 15.49 -6.27
CA PRO A 86 27.30 14.14 -6.05
C PRO A 86 28.82 14.09 -6.15
N HIS A 87 29.42 13.13 -5.46
CA HIS A 87 30.91 13.05 -5.37
C HIS A 87 31.58 14.20 -4.61
N CYS A 88 30.79 14.82 -3.74
CA CYS A 88 31.28 15.76 -2.77
C CYS A 88 31.03 15.20 -1.38
N PRO A 89 32.06 14.60 -0.78
CA PRO A 89 31.91 13.81 0.44
C PRO A 89 31.60 14.57 1.71
N ASN A 90 31.53 15.89 1.68
CA ASN A 90 31.10 16.55 2.89
C ASN A 90 29.78 17.26 2.75
N SER A 91 29.56 17.92 1.63
CA SER A 91 28.32 18.68 1.40
C SER A 91 27.14 17.83 0.94
N PHE A 92 25.93 18.07 1.51
CA PHE A 92 24.72 17.23 1.36
C PHE A 92 23.45 18.06 1.29
N ARG A 93 22.43 17.52 0.61
CA ARG A 93 21.11 18.12 0.60
C ARG A 93 20.12 17.20 1.30
N LEU A 94 19.02 17.80 1.71
CA LEU A 94 18.01 17.07 2.43
C LEU A 94 16.99 16.49 1.47
N GLU A 95 16.52 15.31 1.84
CA GLU A 95 15.48 14.63 1.12
C GLU A 95 14.49 14.05 2.15
N LYS A 96 13.20 14.30 1.97
CA LYS A 96 12.15 13.93 2.89
C LYS A 96 11.48 12.65 2.38
N ILE A 97 11.23 11.69 3.29
CA ILE A 97 10.87 10.31 2.99
C ILE A 97 9.70 9.86 3.90
N LEU A 98 8.86 8.91 3.48
CA LEU A 98 7.85 8.30 4.36
C LEU A 98 8.30 6.98 4.94
N VAL A 99 8.06 6.77 6.22
CA VAL A 99 8.48 5.54 6.83
C VAL A 99 7.45 4.90 7.75
N SER A 100 7.06 3.69 7.39
CA SER A 100 6.22 2.90 8.27
C SER A 100 7.04 2.44 9.44
N VAL A 101 6.62 2.74 10.65
CA VAL A 101 7.40 2.26 11.80
C VAL A 101 6.67 1.20 12.61
N GLY A 102 5.41 1.00 12.32
CA GLY A 102 4.67 -0.11 12.92
C GLY A 102 3.22 -0.04 12.46
N CYS A 103 2.40 -0.97 12.89
CA CYS A 103 1.01 -0.94 12.52
C CYS A 103 0.13 -0.78 13.71
N THR A 104 -1.04 -0.21 13.49
CA THR A 104 -2.05 -0.07 14.51
C THR A 104 -3.33 -0.62 13.92
N CYS A 105 -4.25 -1.03 14.78
CA CYS A 105 -5.48 -1.63 14.34
C CYS A 105 -6.56 -0.61 14.33
N VAL A 106 -7.53 -0.76 13.44
CA VAL A 106 -8.40 0.37 13.05
C VAL A 106 -9.78 -0.07 12.59
N THR A 107 -10.81 0.68 12.97
CA THR A 107 -12.14 0.36 12.60
C THR A 107 -12.45 0.98 11.27
N PRO A 108 -12.91 0.17 10.31
CA PRO A 108 -13.08 0.71 8.99
C PRO A 108 -14.30 1.62 8.92
N ILE A 109 -14.67 2.02 7.71
CA ILE A 109 -15.99 2.60 7.48
C ILE A 109 -16.71 1.87 6.32
N PRO B 1 35.53 17.30 15.37
CA PRO B 1 36.37 16.17 14.92
C PRO B 1 35.95 15.46 13.61
N ARG B 2 34.67 15.55 13.23
CA ARG B 2 34.21 15.28 11.83
C ARG B 2 32.95 16.04 11.47
N THR B 3 33.01 16.86 10.44
CA THR B 3 32.05 17.93 10.27
C THR B 3 31.65 18.08 8.85
N VAL B 4 30.40 18.41 8.59
CA VAL B 4 29.94 18.51 7.22
C VAL B 4 28.91 19.59 7.03
N MET B 5 28.57 19.86 5.77
CA MET B 5 27.70 20.98 5.45
C MET B 5 26.41 20.51 4.87
N VAL B 6 25.32 21.19 5.16
CA VAL B 6 24.01 20.70 4.76
C VAL B 6 23.04 21.80 4.31
N ASN B 7 22.39 21.61 3.18
CA ASN B 7 21.44 22.58 2.68
C ASN B 7 20.10 22.13 3.17
N LEU B 8 19.46 22.94 4.01
CA LEU B 8 18.18 22.54 4.62
C LEU B 8 16.98 22.75 3.71
N ASN B 9 17.18 23.29 2.53
CA ASN B 9 16.07 23.46 1.65
C ASN B 9 15.67 22.12 1.02
N ILE B 10 14.36 21.93 0.84
CA ILE B 10 13.80 20.60 0.72
C ILE B 10 12.96 20.29 -0.53
N HIS B 11 12.89 19.01 -0.89
CA HIS B 11 12.01 18.60 -1.98
C HIS B 11 11.63 17.13 -1.76
N ASN B 12 10.39 16.79 -2.18
CA ASN B 12 9.75 15.45 -2.08
C ASN B 12 8.42 15.45 -1.26
N ARG B 13 7.77 14.27 -1.20
CA ARG B 13 6.72 13.85 -0.21
C ARG B 13 7.25 12.85 0.81
N PRO B 19 0.31 13.06 -1.91
CA PRO B 19 0.51 14.34 -1.24
C PRO B 19 0.35 14.23 0.29
N LYS B 20 -0.75 13.62 0.74
CA LYS B 20 -1.06 13.34 2.16
C LYS B 20 -2.57 12.96 2.19
N ARG B 21 -3.16 12.69 3.36
CA ARG B 21 -4.60 12.35 3.45
C ARG B 21 -4.93 11.28 4.49
N SER B 22 -6.23 11.03 4.67
CA SER B 22 -6.70 10.05 5.67
C SER B 22 -5.98 10.37 6.96
N SER B 23 -5.06 9.51 7.42
CA SER B 23 -4.17 9.88 8.50
C SER B 23 -5.04 10.34 9.69
N ASP B 24 -6.23 9.76 9.81
CA ASP B 24 -7.00 9.78 11.05
C ASP B 24 -7.09 8.34 11.48
N TYR B 25 -5.97 7.69 11.24
CA TYR B 25 -5.71 6.49 11.89
C TYR B 25 -5.78 6.81 13.34
N TYR B 26 -5.24 7.96 13.70
CA TYR B 26 -5.17 8.36 15.12
C TYR B 26 -6.54 8.37 15.80
N ASN B 27 -7.62 8.39 15.05
CA ASN B 27 -8.92 8.50 15.67
C ASN B 27 -9.72 7.23 15.59
N ARG B 28 -9.38 6.35 14.65
CA ARG B 28 -10.11 5.13 14.49
C ARG B 28 -9.31 3.96 15.00
N SER B 29 -8.09 4.20 15.50
CA SER B 29 -7.35 3.13 16.12
C SER B 29 -8.08 2.62 17.35
N THR B 30 -8.02 1.30 17.54
CA THR B 30 -8.28 0.66 18.82
C THR B 30 -7.42 1.26 19.91
N SER B 31 -6.27 1.87 19.57
CA SER B 31 -5.31 2.44 20.54
C SER B 31 -5.00 3.81 20.09
N PRO B 32 -5.98 4.70 20.16
CA PRO B 32 -5.85 6.01 19.55
C PRO B 32 -5.03 6.86 20.39
N TRP B 33 -4.62 7.99 19.81
CA TRP B 33 -3.72 8.93 20.45
C TRP B 33 -3.99 10.37 20.14
N ASN B 34 -3.24 11.27 20.77
CA ASN B 34 -3.19 12.68 20.36
C ASN B 34 -1.78 13.08 20.11
N LEU B 35 -1.61 14.27 19.54
CA LEU B 35 -0.28 14.77 19.24
C LEU B 35 0.06 15.98 20.05
N HIS B 36 1.21 15.97 20.69
CA HIS B 36 1.62 17.03 21.57
C HIS B 36 2.76 17.79 20.91
N ARG B 37 2.71 19.12 20.89
CA ARG B 37 3.77 19.90 20.15
C ARG B 37 4.94 20.10 21.07
N ASN B 38 6.09 19.70 20.60
CA ASN B 38 7.29 20.05 21.30
C ASN B 38 7.95 21.06 20.40
N GLU B 39 8.12 22.29 20.91
CA GLU B 39 8.86 23.31 20.19
C GLU B 39 10.11 23.64 20.95
N ASP B 40 11.24 23.59 20.25
CA ASP B 40 12.52 24.02 20.79
C ASP B 40 13.19 24.82 19.68
N PRO B 41 13.53 26.10 19.96
CA PRO B 41 14.20 26.95 18.96
C PRO B 41 15.70 26.70 18.84
N GLU B 42 16.30 25.95 19.77
CA GLU B 42 17.71 25.58 19.66
C GLU B 42 17.92 24.27 18.88
N ARG B 43 16.94 23.93 18.07
CA ARG B 43 16.85 22.59 17.53
C ARG B 43 16.32 22.60 16.09
N TYR B 44 16.94 21.83 15.19
CA TYR B 44 16.37 21.62 13.88
C TYR B 44 16.08 20.17 13.71
N PRO B 45 14.85 19.82 13.41
CA PRO B 45 13.72 20.71 13.35
C PRO B 45 13.34 21.20 14.74
N SER B 46 12.69 22.36 14.79
CA SER B 46 12.35 22.98 16.04
C SER B 46 10.98 22.53 16.49
N VAL B 47 10.04 22.39 15.56
CA VAL B 47 8.73 21.85 15.91
C VAL B 47 8.76 20.34 15.72
N ILE B 48 8.39 19.60 16.75
CA ILE B 48 8.24 18.15 16.65
C ILE B 48 6.96 17.64 17.31
N TRP B 49 6.23 16.79 16.60
CA TRP B 49 5.00 16.28 17.12
C TRP B 49 5.14 14.88 17.69
N GLU B 50 4.78 14.76 18.95
CA GLU B 50 4.94 13.54 19.67
C GLU B 50 3.54 12.97 19.98
N ALA B 51 3.38 11.67 19.80
CA ALA B 51 2.13 10.99 20.01
C ALA B 51 1.93 10.63 21.48
N LYS B 52 0.70 10.62 21.96
CA LYS B 52 0.44 10.22 23.33
C LYS B 52 -0.85 9.43 23.44
N CYS B 53 -0.72 8.17 23.83
CA CYS B 53 -1.86 7.28 23.88
C CYS B 53 -2.99 7.88 24.75
N ARG B 54 -4.21 7.81 24.28
CA ARG B 54 -5.31 8.37 25.03
C ARG B 54 -5.67 7.49 26.18
N HIS B 55 -5.72 6.18 25.99
CA HIS B 55 -6.11 5.30 27.08
C HIS B 55 -5.01 4.31 27.46
N LEU B 56 -5.17 3.72 28.66
CA LEU B 56 -4.27 2.70 29.17
C LEU B 56 -4.61 1.48 28.42
N GLY B 57 -5.91 1.24 28.35
CA GLY B 57 -6.42 0.07 27.67
C GLY B 57 -6.63 0.43 26.23
N CYS B 58 -7.30 -0.49 25.53
CA CYS B 58 -7.68 -0.31 24.15
C CYS B 58 -9.19 -0.35 24.01
N ILE B 59 -9.67 0.13 22.86
CA ILE B 59 -11.09 0.26 22.57
C ILE B 59 -11.76 -0.98 21.97
N ASN B 60 -12.91 -1.29 22.55
CA ASN B 60 -13.81 -2.36 22.13
C ASN B 60 -14.42 -2.17 20.79
N ALA B 61 -14.98 -3.27 20.29
CA ALA B 61 -16.04 -3.20 19.30
C ALA B 61 -17.14 -2.25 19.79
N ASP B 62 -17.66 -2.50 20.98
CA ASP B 62 -18.68 -1.63 21.55
C ASP B 62 -18.23 -0.19 21.76
N GLY B 63 -16.95 0.12 21.59
CA GLY B 63 -16.47 1.47 21.85
C GLY B 63 -16.24 1.79 23.31
N ASN B 64 -16.18 0.77 24.17
CA ASN B 64 -15.73 0.97 25.56
C ASN B 64 -14.30 0.53 25.76
N VAL B 65 -13.61 1.13 26.73
CA VAL B 65 -12.24 0.82 26.96
C VAL B 65 -12.15 -0.56 27.55
N ASP B 66 -11.23 -1.38 27.05
CA ASP B 66 -11.02 -2.74 27.55
C ASP B 66 -9.66 -2.85 28.19
N TYR B 67 -9.59 -2.76 29.52
CA TYR B 67 -8.28 -2.73 30.16
C TYR B 67 -7.48 -4.06 30.20
N HIS B 68 -8.00 -5.13 29.60
CA HIS B 68 -7.24 -6.39 29.51
C HIS B 68 -6.20 -6.29 28.42
N MET B 69 -6.20 -5.18 27.70
CA MET B 69 -5.21 -4.93 26.68
C MET B 69 -4.52 -3.62 26.96
N ASN B 70 -3.62 -3.15 26.08
CA ASN B 70 -2.82 -1.99 26.37
C ASN B 70 -2.48 -1.15 25.17
N SER B 71 -2.92 0.11 25.16
CA SER B 71 -2.36 1.12 24.27
C SER B 71 -0.93 1.33 24.71
N VAL B 72 0.01 1.27 23.78
CA VAL B 72 1.41 1.56 24.01
C VAL B 72 1.95 2.27 22.79
N PRO B 73 2.88 3.20 22.97
CA PRO B 73 3.40 3.98 21.87
C PRO B 73 4.46 3.27 21.06
N ILE B 74 4.45 3.52 19.75
CA ILE B 74 5.45 2.99 18.87
C ILE B 74 6.48 4.09 18.68
N GLN B 75 7.73 3.80 18.98
CA GLN B 75 8.77 4.79 18.94
C GLN B 75 9.87 4.56 17.90
N GLN B 76 10.66 5.58 17.63
CA GLN B 76 11.66 5.57 16.59
C GLN B 76 12.86 6.33 17.14
N GLU B 77 14.08 5.91 16.86
CA GLU B 77 15.22 6.72 17.21
C GLU B 77 15.44 7.69 16.07
N ILE B 78 15.71 8.94 16.42
CA ILE B 78 15.74 10.03 15.47
C ILE B 78 16.96 10.83 15.71
N LEU B 79 17.53 11.39 14.66
CA LEU B 79 18.60 12.37 14.81
C LEU B 79 18.11 13.79 14.58
N VAL B 80 18.52 14.66 15.45
CA VAL B 80 18.07 15.98 15.39
C VAL B 80 19.28 16.89 15.57
N LEU B 81 19.15 18.13 15.12
CA LEU B 81 20.21 19.09 15.20
C LEU B 81 20.05 20.03 16.37
N ARG B 82 21.18 20.24 17.04
CA ARG B 82 21.26 21.02 18.26
C ARG B 82 22.39 22.02 18.12
N ARG B 83 22.06 23.32 18.32
CA ARG B 83 23.02 24.40 18.20
C ARG B 83 24.28 24.19 19.03
N GLU B 84 25.43 24.33 18.39
CA GLU B 84 26.71 24.16 19.09
C GLU B 84 27.66 25.17 18.46
N PRO B 85 28.13 26.14 19.22
CA PRO B 85 27.72 26.51 20.58
C PRO B 85 26.45 27.32 20.57
N PRO B 86 25.80 27.45 21.73
CA PRO B 86 24.59 28.25 21.72
C PRO B 86 24.98 29.66 21.30
N HIS B 87 24.02 30.43 20.78
CA HIS B 87 24.27 31.78 20.16
C HIS B 87 24.85 31.67 18.74
N CYS B 88 24.99 30.46 18.20
CA CYS B 88 25.54 30.26 16.88
C CYS B 88 24.40 29.71 15.97
N PRO B 89 23.79 30.58 15.14
CA PRO B 89 22.56 30.28 14.43
C PRO B 89 22.70 29.30 13.29
N ASN B 90 23.89 28.81 12.98
CA ASN B 90 23.94 27.70 12.05
C ASN B 90 25.19 26.93 12.06
N SER B 91 25.62 26.64 13.27
CA SER B 91 26.44 25.49 13.54
C SER B 91 25.73 24.58 14.54
N PHE B 92 25.86 23.26 14.36
CA PHE B 92 25.02 22.26 15.06
C PHE B 92 25.76 20.97 15.29
N ARG B 93 25.37 20.27 16.35
CA ARG B 93 25.85 18.89 16.62
C ARG B 93 24.68 17.94 16.49
N LEU B 94 24.94 16.64 16.35
CA LEU B 94 23.85 15.66 16.28
C LEU B 94 23.39 15.24 17.66
N GLU B 95 22.11 14.99 17.76
CA GLU B 95 21.49 14.55 18.98
C GLU B 95 20.48 13.48 18.60
N LYS B 96 20.57 12.32 19.25
CA LYS B 96 19.71 11.17 18.99
C LYS B 96 18.59 11.20 20.01
N ILE B 97 17.37 10.94 19.58
CA ILE B 97 16.26 11.01 20.52
C ILE B 97 15.13 10.09 20.15
N LEU B 98 14.17 9.97 21.05
CA LEU B 98 13.08 9.03 20.87
C LEU B 98 11.79 9.70 20.51
N VAL B 99 11.08 9.14 19.55
CA VAL B 99 9.86 9.75 19.14
C VAL B 99 8.71 8.78 19.00
N SER B 100 7.69 9.00 19.80
CA SER B 100 6.44 8.30 19.65
C SER B 100 5.73 8.80 18.41
N VAL B 101 5.38 7.91 17.49
CA VAL B 101 4.67 8.35 16.31
C VAL B 101 3.25 7.85 16.24
N GLY B 102 2.90 6.94 17.13
CA GLY B 102 1.48 6.52 17.28
C GLY B 102 1.43 5.42 18.32
N CYS B 103 0.24 4.92 18.60
CA CYS B 103 0.13 3.81 19.50
C CYS B 103 -0.44 2.59 18.81
N THR B 104 -0.09 1.43 19.32
CA THR B 104 -0.65 0.20 18.89
C THR B 104 -1.19 -0.47 20.12
N CYS B 105 -2.15 -1.37 19.93
CA CYS B 105 -2.70 -2.13 21.05
C CYS B 105 -2.02 -3.49 21.22
N VAL B 106 -1.98 -3.99 22.44
CA VAL B 106 -1.02 -5.03 22.79
C VAL B 106 -1.53 -5.92 23.94
N THR B 107 -1.25 -7.22 23.85
CA THR B 107 -1.66 -8.18 24.86
C THR B 107 -0.58 -8.29 25.91
N PRO B 108 -0.94 -8.15 27.18
CA PRO B 108 0.10 -7.93 28.17
C PRO B 108 1.09 -9.05 28.60
N ILE B 109 0.98 -10.33 28.21
CA ILE B 109 1.91 -11.27 28.89
C ILE B 109 3.32 -11.12 28.30
N PRO C 1 -12.51 17.61 -29.01
CA PRO C 1 -12.95 16.82 -27.85
C PRO C 1 -13.77 15.53 -28.25
N ARG C 2 -13.11 14.52 -28.83
CA ARG C 2 -13.81 13.28 -29.39
C ARG C 2 -14.79 12.58 -28.47
N THR C 3 -16.01 12.33 -28.96
CA THR C 3 -17.17 12.00 -28.10
C THR C 3 -18.08 10.97 -28.69
N VAL C 4 -18.64 10.08 -27.86
CA VAL C 4 -19.41 8.97 -28.37
C VAL C 4 -20.52 8.60 -27.44
N MET C 5 -21.40 7.76 -27.92
CA MET C 5 -22.59 7.42 -27.18
C MET C 5 -22.57 5.95 -26.80
N VAL C 6 -23.12 5.62 -25.64
CA VAL C 6 -23.07 4.24 -25.18
C VAL C 6 -24.37 3.74 -24.51
N ASN C 7 -24.85 2.58 -24.93
CA ASN C 7 -26.05 2.00 -24.33
C ASN C 7 -25.57 1.08 -23.23
N LEU C 8 -25.92 1.39 -21.99
CA LEU C 8 -25.42 0.62 -20.84
C LEU C 8 -26.15 -0.70 -20.57
N ASN C 9 -27.16 -1.05 -21.37
CA ASN C 9 -27.79 -2.38 -21.24
C ASN C 9 -26.96 -3.47 -21.91
N ILE C 10 -26.82 -4.62 -21.22
CA ILE C 10 -25.60 -5.47 -21.38
C ILE C 10 -25.71 -6.99 -21.58
N HIS C 11 -24.61 -7.60 -22.04
CA HIS C 11 -24.43 -9.06 -22.26
C HIS C 11 -22.97 -9.35 -22.71
N ASN C 12 -22.36 -10.53 -22.43
CA ASN C 12 -22.85 -11.52 -21.47
C ASN C 12 -22.05 -12.70 -20.82
N ARG C 13 -20.87 -13.11 -21.28
CA ARG C 13 -20.11 -14.26 -20.68
C ARG C 13 -18.84 -13.90 -19.86
N SER C 23 -15.01 -21.07 -9.03
CA SER C 23 -14.33 -19.82 -8.74
C SER C 23 -14.57 -19.35 -7.30
N ASP C 24 -13.87 -20.04 -6.42
CA ASP C 24 -13.83 -19.69 -5.01
C ASP C 24 -12.33 -19.77 -4.73
N TYR C 25 -11.65 -19.30 -5.74
CA TYR C 25 -10.24 -19.46 -5.76
C TYR C 25 -9.64 -18.63 -4.63
N TYR C 26 -10.33 -17.55 -4.29
CA TYR C 26 -9.85 -16.64 -3.23
C TYR C 26 -9.56 -17.31 -1.89
N ASN C 27 -10.15 -18.47 -1.66
CA ASN C 27 -10.13 -18.99 -0.32
C ASN C 27 -9.17 -20.11 -0.28
N ARG C 28 -8.86 -20.69 -1.43
CA ARG C 28 -7.95 -21.82 -1.43
C ARG C 28 -6.58 -21.44 -1.96
N SER C 29 -6.40 -20.17 -2.35
CA SER C 29 -5.06 -19.71 -2.75
C SER C 29 -4.06 -19.79 -1.60
N THR C 30 -2.83 -20.13 -1.93
CA THR C 30 -1.65 -19.88 -1.12
C THR C 30 -1.56 -18.44 -0.74
N SER C 31 -2.17 -17.54 -1.55
CA SER C 31 -2.11 -16.07 -1.35
C SER C 31 -3.48 -15.58 -1.43
N PRO C 32 -4.31 -15.99 -0.47
CA PRO C 32 -5.72 -15.65 -0.52
C PRO C 32 -5.95 -14.22 -0.19
N TRP C 33 -7.17 -13.79 -0.46
CA TRP C 33 -7.57 -12.39 -0.32
C TRP C 33 -9.01 -12.16 -0.02
N ASN C 34 -9.37 -10.93 0.32
CA ASN C 34 -10.76 -10.55 0.50
C ASN C 34 -11.10 -9.44 -0.44
N LEU C 35 -12.39 -9.10 -0.51
CA LEU C 35 -12.84 -8.07 -1.43
C LEU C 35 -13.42 -6.90 -0.69
N HIS C 36 -12.97 -5.71 -1.03
CA HIS C 36 -13.36 -4.51 -0.33
C HIS C 36 -14.21 -3.69 -1.26
N ARG C 37 -15.31 -3.15 -0.76
CA ARG C 37 -16.28 -2.45 -1.62
C ARG C 37 -15.92 -1.00 -1.78
N ASN C 38 -15.78 -0.55 -3.01
CA ASN C 38 -15.62 0.85 -3.26
C ASN C 38 -16.88 1.28 -3.95
N GLU C 39 -17.62 2.22 -3.35
CA GLU C 39 -18.81 2.79 -3.98
C GLU C 39 -18.58 4.27 -4.24
N ASP C 40 -18.82 4.68 -5.48
CA ASP C 40 -18.86 6.08 -5.87
C ASP C 40 -20.06 6.28 -6.78
N PRO C 41 -20.98 7.19 -6.39
CA PRO C 41 -22.18 7.46 -7.22
C PRO C 41 -21.94 8.36 -8.42
N GLU C 42 -20.78 9.04 -8.47
CA GLU C 42 -20.40 9.86 -9.62
C GLU C 42 -19.67 9.06 -10.70
N ARG C 43 -19.88 7.75 -10.69
CA ARG C 43 -18.99 6.84 -11.41
C ARG C 43 -19.80 5.68 -11.97
N TYR C 44 -19.54 5.31 -13.22
CA TYR C 44 -20.06 4.07 -13.78
C TYR C 44 -18.89 3.18 -14.15
N PRO C 45 -18.85 1.98 -13.60
CA PRO C 45 -19.77 1.47 -12.60
C PRO C 45 -19.50 2.15 -11.28
N SER C 46 -20.50 2.17 -10.42
CA SER C 46 -20.41 2.87 -9.17
C SER C 46 -19.89 1.94 -8.09
N VAL C 47 -20.35 0.69 -8.09
CA VAL C 47 -19.83 -0.27 -7.13
C VAL C 47 -18.65 -0.99 -7.79
N ILE C 48 -17.51 -0.99 -7.11
CA ILE C 48 -16.34 -1.75 -7.58
C ILE C 48 -15.70 -2.54 -6.46
N TRP C 49 -15.40 -3.80 -6.75
CA TRP C 49 -14.77 -4.63 -5.76
C TRP C 49 -13.26 -4.78 -5.96
N GLU C 50 -12.52 -4.41 -4.93
CA GLU C 50 -11.08 -4.41 -4.98
C GLU C 50 -10.54 -5.50 -4.01
N ALA C 51 -9.55 -6.24 -4.46
CA ALA C 51 -9.02 -7.35 -3.75
C ALA C 51 -8.00 -6.88 -2.74
N LYS C 52 -7.86 -7.58 -1.63
CA LYS C 52 -6.82 -7.24 -0.67
C LYS C 52 -6.22 -8.46 -0.02
N CYS C 53 -4.95 -8.66 -0.26
CA CYS C 53 -4.27 -9.80 0.24
C CYS C 53 -4.47 -9.94 1.76
N ARG C 54 -4.76 -11.15 2.22
CA ARG C 54 -4.98 -11.35 3.64
C ARG C 54 -3.69 -11.31 4.37
N HIS C 55 -2.66 -11.96 3.84
CA HIS C 55 -1.40 -12.01 4.57
C HIS C 55 -0.27 -11.36 3.80
N LEU C 56 0.77 -11.02 4.51
CA LEU C 56 1.93 -10.46 3.94
C LEU C 56 2.67 -11.60 3.31
N GLY C 57 2.74 -12.69 4.04
CA GLY C 57 3.38 -13.88 3.55
C GLY C 57 2.37 -14.70 2.82
N CYS C 58 2.77 -15.94 2.49
CA CYS C 58 1.89 -16.90 1.84
C CYS C 58 1.70 -18.11 2.73
N ILE C 59 0.66 -18.88 2.42
CA ILE C 59 0.28 -20.05 3.20
C ILE C 59 1.01 -21.35 2.82
N ASN C 60 1.43 -22.05 3.85
CA ASN C 60 2.00 -23.38 3.78
C ASN C 60 1.06 -24.43 3.31
N ALA C 61 1.64 -25.56 2.93
CA ALA C 61 0.92 -26.82 2.98
C ALA C 61 0.27 -26.99 4.38
N ASP C 62 1.06 -26.88 5.44
CA ASP C 62 0.51 -26.99 6.78
C ASP C 62 -0.57 -25.96 7.12
N GLY C 63 -0.79 -24.99 6.26
CA GLY C 63 -1.75 -23.95 6.58
C GLY C 63 -1.23 -22.87 7.57
N ASN C 64 0.08 -22.80 7.78
CA ASN C 64 0.67 -21.64 8.47
C ASN C 64 1.32 -20.66 7.51
N VAL C 65 1.33 -19.39 7.90
CA VAL C 65 1.85 -18.34 7.05
C VAL C 65 3.34 -18.43 6.98
N ASP C 66 3.91 -18.32 5.79
CA ASP C 66 5.35 -18.43 5.59
C ASP C 66 5.85 -17.10 5.09
N TYR C 67 6.40 -16.27 5.98
CA TYR C 67 6.81 -14.95 5.55
C TYR C 67 8.05 -14.86 4.62
N HIS C 68 8.66 -15.97 4.24
CA HIS C 68 9.76 -15.91 3.28
C HIS C 68 9.28 -15.75 1.88
N MET C 69 7.96 -15.70 1.73
CA MET C 69 7.35 -15.46 0.45
C MET C 69 6.39 -14.28 0.61
N ASN C 70 5.65 -13.93 -0.44
CA ASN C 70 4.86 -12.71 -0.40
C ASN C 70 3.58 -12.76 -1.19
N SER C 71 2.44 -12.61 -0.49
CA SER C 71 1.18 -12.34 -1.15
C SER C 71 1.30 -10.95 -1.71
N VAL C 72 0.96 -10.78 -2.96
CA VAL C 72 1.02 -9.48 -3.63
C VAL C 72 -0.15 -9.48 -4.60
N PRO C 73 -0.75 -8.31 -4.82
CA PRO C 73 -1.95 -8.21 -5.62
C PRO C 73 -1.61 -8.08 -7.10
N ILE C 74 -2.46 -8.68 -7.91
CA ILE C 74 -2.33 -8.56 -9.34
C ILE C 74 -3.27 -7.48 -9.75
N GLN C 75 -2.74 -6.49 -10.45
CA GLN C 75 -3.55 -5.33 -10.85
C GLN C 75 -3.75 -5.16 -12.35
N GLN C 76 -4.72 -4.35 -12.70
CA GLN C 76 -5.14 -4.17 -14.07
C GLN C 76 -5.45 -2.69 -14.25
N GLU C 77 -5.14 -2.10 -15.41
CA GLU C 77 -5.60 -0.75 -15.69
C GLU C 77 -6.99 -0.84 -16.30
N ILE C 78 -7.89 0.00 -15.83
CA ILE C 78 -9.29 -0.09 -16.13
C ILE C 78 -9.78 1.28 -16.50
N LEU C 79 -10.75 1.33 -17.40
CA LEU C 79 -11.43 2.59 -17.67
C LEU C 79 -12.75 2.64 -17.00
N VAL C 80 -13.03 3.75 -16.39
CA VAL C 80 -14.26 3.91 -15.71
C VAL C 80 -14.87 5.27 -16.10
N LEU C 81 -16.16 5.41 -15.90
CA LEU C 81 -16.86 6.61 -16.28
C LEU C 81 -17.09 7.53 -15.11
N ARG C 82 -16.85 8.81 -15.37
CA ARG C 82 -16.90 9.88 -14.38
C ARG C 82 -17.72 11.01 -14.92
N ARG C 83 -18.77 11.39 -14.19
CA ARG C 83 -19.69 12.48 -14.57
C ARG C 83 -19.03 13.80 -14.88
N GLU C 84 -19.41 14.38 -16.01
CA GLU C 84 -18.82 15.63 -16.40
C GLU C 84 -19.75 16.36 -17.32
N PRO C 85 -20.09 17.59 -16.98
CA PRO C 85 -19.71 18.28 -15.73
C PRO C 85 -20.44 17.66 -14.58
N PRO C 86 -20.00 17.92 -13.35
CA PRO C 86 -20.59 17.14 -12.28
C PRO C 86 -22.06 17.43 -12.24
N HIS C 87 -22.84 16.48 -11.71
CA HIS C 87 -24.30 16.60 -11.63
C HIS C 87 -24.96 16.88 -13.01
N CYS C 88 -24.28 16.29 -13.99
CA CYS C 88 -24.82 16.01 -15.28
C CYS C 88 -25.02 14.49 -15.32
N PRO C 89 -26.27 14.01 -15.19
CA PRO C 89 -26.55 12.61 -14.93
C PRO C 89 -26.31 11.68 -16.09
N ASN C 90 -25.94 12.17 -17.26
CA ASN C 90 -25.69 11.22 -18.34
C ASN C 90 -24.54 11.55 -19.26
N SER C 91 -23.71 12.52 -18.89
CA SER C 91 -22.53 12.84 -19.64
C SER C 91 -21.32 12.54 -18.80
N PHE C 92 -20.27 12.02 -19.44
CA PHE C 92 -19.16 11.41 -18.71
C PHE C 92 -17.85 11.53 -19.44
N ARG C 93 -16.78 11.60 -18.67
CA ARG C 93 -15.42 11.55 -19.19
C ARG C 93 -14.82 10.21 -18.79
N LEU C 94 -13.74 9.81 -19.47
CA LEU C 94 -13.07 8.57 -19.11
C LEU C 94 -12.09 8.82 -18.00
N GLU C 95 -11.95 7.81 -17.16
CA GLU C 95 -10.98 7.85 -16.10
C GLU C 95 -10.32 6.49 -16.04
N LYS C 96 -8.99 6.48 -16.01
CA LYS C 96 -8.21 5.25 -15.99
C LYS C 96 -7.79 4.98 -14.56
N ILE C 97 -7.87 3.74 -14.12
CA ILE C 97 -7.57 3.45 -12.74
C ILE C 97 -7.05 2.06 -12.56
N LEU C 98 -6.59 1.78 -11.35
CA LEU C 98 -5.97 0.52 -11.05
C LEU C 98 -6.86 -0.37 -10.27
N VAL C 99 -6.90 -1.63 -10.62
CA VAL C 99 -7.71 -2.55 -9.87
C VAL C 99 -7.00 -3.85 -9.51
N SER C 100 -6.89 -4.08 -8.23
CA SER C 100 -6.43 -5.31 -7.68
C SER C 100 -7.52 -6.39 -7.81
N VAL C 101 -7.23 -7.48 -8.52
CA VAL C 101 -8.28 -8.47 -8.78
C VAL C 101 -8.04 -9.80 -8.07
N GLY C 102 -6.82 -9.97 -7.56
CA GLY C 102 -6.53 -11.09 -6.69
C GLY C 102 -5.08 -11.04 -6.33
N CYS C 103 -4.64 -11.98 -5.51
CA CYS C 103 -3.24 -12.00 -5.17
C CYS C 103 -2.59 -13.28 -5.66
N THR C 104 -1.30 -13.18 -5.91
CA THR C 104 -0.51 -14.31 -6.25
C THR C 104 0.65 -14.33 -5.29
N CYS C 105 1.24 -15.49 -5.07
CA CYS C 105 2.35 -15.61 -4.16
C CYS C 105 3.67 -15.53 -4.92
N VAL C 106 4.72 -15.03 -4.27
CA VAL C 106 5.91 -14.53 -5.01
C VAL C 106 7.19 -14.64 -4.19
N THR C 107 8.28 -15.00 -4.85
CA THR C 107 9.57 -15.15 -4.19
C THR C 107 10.26 -13.80 -4.21
N PRO C 108 10.61 -13.27 -3.04
CA PRO C 108 11.13 -11.93 -3.02
C PRO C 108 12.51 -11.89 -3.66
N ILE C 109 13.18 -10.75 -3.59
CA ILE C 109 14.61 -10.69 -3.86
C ILE C 109 15.33 -10.65 -2.53
N PRO D 1 -32.52 1.74 -24.39
CA PRO D 1 -33.29 1.79 -23.12
C PRO D 1 -32.59 2.45 -21.90
N ARG D 2 -31.24 2.54 -21.92
CA ARG D 2 -30.48 3.51 -21.07
C ARG D 2 -29.10 3.90 -21.65
N THR D 3 -28.90 5.18 -21.92
CA THR D 3 -27.88 5.62 -22.86
C THR D 3 -27.20 6.87 -22.42
N VAL D 4 -25.90 7.00 -22.69
CA VAL D 4 -25.15 8.13 -22.16
C VAL D 4 -24.02 8.56 -23.07
N MET D 5 -23.41 9.70 -22.75
CA MET D 5 -22.42 10.30 -23.62
C MET D 5 -21.09 10.31 -22.97
N VAL D 6 -20.03 10.13 -23.74
CA VAL D 6 -18.72 9.92 -23.15
C VAL D 6 -17.60 10.67 -23.86
N ASN D 7 -16.80 11.39 -23.11
CA ASN D 7 -15.67 12.04 -23.67
C ASN D 7 -14.47 11.11 -23.54
N LEU D 8 -13.88 10.71 -24.66
CA LEU D 8 -12.79 9.73 -24.63
C LEU D 8 -11.40 10.28 -24.27
N ASN D 9 -11.27 11.57 -24.04
CA ASN D 9 -9.99 12.12 -23.61
C ASN D 9 -9.74 12.01 -22.08
N ILE D 10 -8.48 11.80 -21.66
CA ILE D 10 -8.14 11.54 -20.22
C ILE D 10 -6.73 11.96 -19.70
N HIS D 11 -6.35 11.58 -18.47
CA HIS D 11 -4.88 11.59 -18.13
C HIS D 11 -4.14 10.64 -17.15
N ASN D 12 -4.48 10.67 -15.85
CA ASN D 12 -4.06 9.71 -14.74
C ASN D 12 -2.64 9.15 -14.28
N ARG D 13 -2.29 7.84 -14.41
CA ARG D 13 -1.08 7.20 -13.75
C ARG D 13 -1.41 6.86 -12.29
N SER D 22 7.10 -2.07 -10.86
CA SER D 22 7.86 -3.31 -11.03
C SER D 22 7.17 -4.33 -11.97
N SER D 23 6.03 -4.88 -11.52
CA SER D 23 5.41 -6.08 -12.18
C SER D 23 6.53 -7.15 -12.12
N ASP D 24 6.68 -7.98 -13.16
CA ASP D 24 7.68 -9.05 -13.13
C ASP D 24 7.13 -10.11 -12.11
N TYR D 25 5.90 -9.91 -11.67
CA TYR D 25 5.21 -10.85 -10.80
C TYR D 25 4.93 -12.09 -11.56
N TYR D 26 4.62 -11.92 -12.85
CA TYR D 26 4.41 -13.05 -13.75
C TYR D 26 5.62 -14.03 -13.80
N ASN D 27 6.80 -13.65 -13.32
CA ASN D 27 7.97 -14.52 -13.42
C ASN D 27 8.42 -15.03 -12.08
N ARG D 28 8.02 -14.36 -11.02
CA ARG D 28 8.40 -14.78 -9.68
C ARG D 28 7.24 -15.40 -8.92
N SER D 29 6.08 -15.50 -9.55
CA SER D 29 5.03 -16.25 -8.93
C SER D 29 5.37 -17.74 -8.83
N THR D 30 4.97 -18.33 -7.71
CA THR D 30 4.80 -19.77 -7.59
C THR D 30 3.95 -20.33 -8.70
N SER D 31 3.08 -19.49 -9.28
CA SER D 31 2.11 -19.90 -10.30
C SER D 31 2.24 -18.94 -11.41
N PRO D 32 3.39 -18.96 -12.06
CA PRO D 32 3.67 -17.99 -13.09
C PRO D 32 2.90 -18.27 -14.31
N TRP D 33 2.90 -17.26 -15.21
CA TRP D 33 2.09 -17.29 -16.43
C TRP D 33 2.67 -16.51 -17.57
N ASN D 34 2.11 -16.69 -18.77
CA ASN D 34 2.46 -15.86 -19.92
C ASN D 34 1.25 -15.12 -20.41
N LEU D 35 1.46 -14.22 -21.36
CA LEU D 35 0.34 -13.50 -21.95
C LEU D 35 0.14 -13.86 -23.42
N HIS D 36 -1.09 -14.18 -23.78
CA HIS D 36 -1.41 -14.59 -25.12
C HIS D 36 -2.21 -13.46 -25.70
N ARG D 37 -2.10 -13.23 -26.99
CA ARG D 37 -2.80 -12.14 -27.65
C ARG D 37 -4.16 -12.57 -28.20
N ASN D 38 -5.20 -11.86 -27.83
CA ASN D 38 -6.49 -12.02 -28.47
C ASN D 38 -6.76 -10.74 -29.22
N GLU D 39 -6.92 -10.87 -30.53
CA GLU D 39 -7.26 -9.72 -31.35
C GLU D 39 -8.64 -9.95 -31.94
N ASP D 40 -9.51 -8.96 -31.78
CA ASP D 40 -10.78 -8.90 -32.48
C ASP D 40 -10.92 -7.47 -33.02
N PRO D 41 -11.08 -7.31 -34.35
CA PRO D 41 -11.28 -5.99 -34.94
C PRO D 41 -12.69 -5.42 -34.79
N GLU D 42 -13.66 -6.27 -34.47
CA GLU D 42 -15.03 -5.81 -34.23
C GLU D 42 -15.20 -5.51 -32.74
N ARG D 43 -14.16 -4.97 -32.13
CA ARG D 43 -14.16 -4.81 -30.72
C ARG D 43 -13.33 -3.58 -30.33
N TYR D 44 -13.60 -3.08 -29.14
CA TYR D 44 -12.86 -1.96 -28.63
C TYR D 44 -12.73 -2.09 -27.12
N PRO D 45 -11.49 -2.35 -26.62
CA PRO D 45 -10.31 -2.46 -27.47
C PRO D 45 -10.29 -3.75 -28.23
N SER D 46 -9.47 -3.76 -29.27
CA SER D 46 -9.39 -4.88 -30.17
C SER D 46 -8.31 -5.84 -29.74
N VAL D 47 -7.20 -5.31 -29.28
CA VAL D 47 -6.13 -6.16 -28.77
C VAL D 47 -6.35 -6.35 -27.28
N ILE D 48 -6.43 -7.60 -26.86
CA ILE D 48 -6.56 -7.93 -25.46
C ILE D 48 -5.58 -9.02 -25.04
N TRP D 49 -4.86 -8.79 -23.95
CA TRP D 49 -3.89 -9.77 -23.47
C TRP D 49 -4.46 -10.64 -22.36
N GLU D 50 -4.42 -11.93 -22.59
CA GLU D 50 -5.00 -12.89 -21.69
C GLU D 50 -3.87 -13.74 -21.09
N ALA D 51 -3.96 -14.00 -19.80
CA ALA D 51 -2.93 -14.70 -19.08
C ALA D 51 -3.12 -16.20 -19.22
N LYS D 52 -2.04 -16.95 -19.22
CA LYS D 52 -2.15 -18.41 -19.27
C LYS D 52 -1.12 -19.09 -18.40
N CYS D 53 -1.62 -19.83 -17.42
CA CYS D 53 -0.75 -20.47 -16.45
C CYS D 53 0.26 -21.38 -17.12
N ARG D 54 1.53 -21.27 -16.73
CA ARG D 54 2.58 -22.03 -17.38
C ARG D 54 2.47 -23.47 -16.99
N HIS D 55 2.21 -23.73 -15.72
CA HIS D 55 2.15 -25.12 -15.29
C HIS D 55 0.81 -25.46 -14.71
N LEU D 56 0.54 -26.74 -14.63
CA LEU D 56 -0.69 -27.25 -14.08
C LEU D 56 -0.51 -27.23 -12.56
N GLY D 57 0.68 -27.60 -12.13
CA GLY D 57 1.05 -27.50 -10.71
C GLY D 57 1.64 -26.14 -10.45
N CYS D 58 2.21 -25.99 -9.27
CA CYS D 58 2.90 -24.78 -8.87
C CYS D 58 4.35 -25.07 -8.63
N ILE D 59 5.15 -24.01 -8.56
CA ILE D 59 6.58 -24.11 -8.30
C ILE D 59 7.03 -24.21 -6.82
N ASN D 60 7.90 -25.19 -6.58
CA ASN D 60 8.58 -25.46 -5.35
C ASN D 60 9.47 -24.37 -4.89
N ALA D 61 9.86 -24.50 -3.62
CA ALA D 61 11.08 -23.88 -3.12
C ALA D 61 12.26 -24.29 -4.03
N ASP D 62 12.43 -25.56 -4.24
CA ASP D 62 13.50 -26.03 -5.10
C ASP D 62 13.40 -25.56 -6.55
N GLY D 63 12.30 -24.94 -6.92
CA GLY D 63 12.14 -24.52 -8.30
C GLY D 63 11.70 -25.63 -9.24
N ASN D 64 11.23 -26.75 -8.70
CA ASN D 64 10.57 -27.78 -9.53
C ASN D 64 9.06 -27.69 -9.42
N VAL D 65 8.34 -28.19 -10.41
CA VAL D 65 6.90 -28.15 -10.37
C VAL D 65 6.33 -29.14 -9.38
N ASP D 66 5.37 -28.72 -8.57
CA ASP D 66 4.80 -29.55 -7.49
C ASP D 66 3.34 -29.80 -7.76
N TYR D 67 3.03 -30.96 -8.33
CA TYR D 67 1.66 -31.18 -8.79
C TYR D 67 0.65 -31.47 -7.65
N HIS D 68 1.05 -31.41 -6.37
CA HIS D 68 0.11 -31.51 -5.25
C HIS D 68 -0.70 -30.19 -5.10
N MET D 69 -0.33 -29.16 -5.87
CA MET D 69 -1.02 -27.87 -5.90
C MET D 69 -1.44 -27.49 -7.34
N ASN D 70 -1.99 -26.31 -7.55
CA ASN D 70 -2.57 -25.96 -8.85
C ASN D 70 -2.48 -24.52 -9.20
N SER D 71 -1.75 -24.23 -10.28
CA SER D 71 -1.82 -22.93 -10.92
C SER D 71 -3.23 -22.84 -11.47
N VAL D 72 -3.93 -21.75 -11.20
CA VAL D 72 -5.26 -21.49 -11.75
C VAL D 72 -5.33 -19.99 -12.02
N PRO D 73 -6.07 -19.59 -13.04
CA PRO D 73 -6.09 -18.19 -13.44
C PRO D 73 -7.07 -17.37 -12.61
N ILE D 74 -6.69 -16.11 -12.38
CA ILE D 74 -7.54 -15.19 -11.69
C ILE D 74 -8.22 -14.37 -12.75
N GLN D 75 -9.54 -14.36 -12.71
CA GLN D 75 -10.28 -13.72 -13.76
C GLN D 75 -11.07 -12.54 -13.28
N GLN D 76 -11.56 -11.75 -14.22
CA GLN D 76 -12.49 -10.71 -13.83
C GLN D 76 -13.41 -10.44 -14.98
N GLU D 77 -14.54 -9.87 -14.65
CA GLU D 77 -15.50 -9.55 -15.66
C GLU D 77 -15.16 -8.16 -16.18
N ILE D 78 -15.20 -8.01 -17.49
CA ILE D 78 -14.74 -6.81 -18.17
C ILE D 78 -15.78 -6.36 -19.15
N LEU D 79 -15.88 -5.04 -19.35
CA LEU D 79 -16.77 -4.51 -20.36
C LEU D 79 -15.99 -4.07 -21.54
N VAL D 80 -16.51 -4.42 -22.70
CA VAL D 80 -15.86 -4.09 -23.92
C VAL D 80 -16.92 -3.57 -24.90
N LEU D 81 -16.48 -2.77 -25.86
CA LEU D 81 -17.38 -2.04 -26.76
C LEU D 81 -17.47 -2.67 -28.11
N ARG D 82 -18.69 -2.67 -28.62
CA ARG D 82 -19.00 -3.10 -29.97
C ARG D 82 -19.93 -2.09 -30.62
N ARG D 83 -19.50 -1.62 -31.78
CA ARG D 83 -20.30 -0.74 -32.61
C ARG D 83 -21.75 -1.18 -32.73
N GLU D 84 -22.66 -0.23 -32.60
CA GLU D 84 -24.06 -0.55 -32.75
C GLU D 84 -24.82 0.67 -33.20
N PRO D 85 -25.55 0.54 -34.30
CA PRO D 85 -25.56 -0.63 -35.18
C PRO D 85 -24.21 -0.75 -35.84
N PRO D 86 -23.87 -1.95 -36.32
CA PRO D 86 -22.54 -2.07 -36.93
C PRO D 86 -22.35 -1.02 -38.04
N HIS D 87 -21.09 -0.67 -38.32
CA HIS D 87 -20.68 0.46 -39.22
C HIS D 87 -21.57 1.65 -39.03
N CYS D 88 -21.75 1.89 -37.75
CA CYS D 88 -22.02 3.18 -37.18
C CYS D 88 -20.77 3.45 -36.41
N PRO D 89 -20.31 4.69 -36.38
CA PRO D 89 -18.99 4.76 -35.82
C PRO D 89 -18.88 5.34 -34.44
N ASN D 90 -19.94 5.88 -33.87
CA ASN D 90 -19.80 6.57 -32.56
C ASN D 90 -20.78 6.09 -31.48
N SER D 91 -21.96 5.64 -31.88
CA SER D 91 -22.76 4.84 -30.97
C SER D 91 -22.04 3.43 -30.74
N PHE D 92 -22.29 2.80 -29.59
CA PHE D 92 -21.75 1.48 -29.17
C PHE D 92 -22.60 0.77 -28.11
N ARG D 93 -22.57 -0.57 -28.09
CA ARG D 93 -23.23 -1.38 -27.08
C ARG D 93 -22.16 -2.04 -26.22
N LEU D 94 -22.57 -2.42 -25.02
CA LEU D 94 -21.65 -3.07 -24.08
C LEU D 94 -21.65 -4.59 -24.23
N GLU D 95 -20.49 -5.18 -24.05
CA GLU D 95 -20.33 -6.63 -24.07
C GLU D 95 -19.46 -6.96 -22.86
N LYS D 96 -19.93 -7.87 -22.03
CA LYS D 96 -19.26 -8.28 -20.80
C LYS D 96 -18.51 -9.56 -21.08
N ILE D 97 -17.29 -9.66 -20.59
CA ILE D 97 -16.50 -10.84 -20.89
C ILE D 97 -15.54 -11.18 -19.78
N LEU D 98 -14.90 -12.35 -19.90
CA LEU D 98 -13.98 -12.83 -18.87
C LEU D 98 -12.54 -12.70 -19.24
N VAL D 99 -11.73 -12.25 -18.31
CA VAL D 99 -10.33 -12.07 -18.61
C VAL D 99 -9.42 -12.59 -17.50
N SER D 100 -8.59 -13.55 -17.88
CA SER D 100 -7.54 -13.98 -17.02
C SER D 100 -6.47 -12.91 -16.95
N VAL D 101 -6.14 -12.44 -15.75
CA VAL D 101 -5.13 -11.38 -15.59
C VAL D 101 -3.88 -11.89 -14.89
N GLY D 102 -3.94 -13.09 -14.33
CA GLY D 102 -2.73 -13.78 -13.84
C GLY D 102 -3.14 -15.08 -13.18
N CYS D 103 -2.18 -15.83 -12.65
CA CYS D 103 -2.52 -17.04 -11.94
C CYS D 103 -2.14 -16.97 -10.48
N THR D 104 -2.88 -17.70 -9.65
CA THR D 104 -2.55 -17.88 -8.28
C THR D 104 -2.46 -19.36 -8.03
N CYS D 105 -1.72 -19.74 -7.00
CA CYS D 105 -1.57 -21.16 -6.67
C CYS D 105 -2.60 -21.57 -5.61
N VAL D 106 -3.01 -22.83 -5.62
CA VAL D 106 -4.23 -23.24 -4.93
C VAL D 106 -4.20 -24.71 -4.49
N THR D 107 -4.76 -24.98 -3.31
CA THR D 107 -4.83 -26.32 -2.78
C THR D 107 -6.07 -27.00 -3.31
N PRO D 108 -5.90 -28.17 -3.97
CA PRO D 108 -7.05 -28.78 -4.57
C PRO D 108 -8.00 -29.32 -3.51
N ILE D 109 -9.09 -29.97 -3.93
CA ILE D 109 -10.10 -30.49 -2.98
C ILE D 109 -10.02 -32.02 -2.88
#